data_3DCB
#
_entry.id   3DCB
#
_cell.length_a   51.864
_cell.length_b   74.780
_cell.length_c   79.956
_cell.angle_alpha   90.00
_cell.angle_beta   90.00
_cell.angle_gamma   90.00
#
_symmetry.space_group_name_H-M   'P 21 21 21'
#
loop_
_entity.id
_entity.type
_entity.pdbx_description
1 polymer 'Kinesin-like protein Nod'
2 non-polymer 'MAGNESIUM ION'
3 non-polymer 'PHOSPHOAMINOPHOSPHONIC ACID-ADENYLATE ESTER'
4 water water
#
_entity_poly.entity_id   1
_entity_poly.type   'polypeptide(L)'
_entity_poly.pdbx_seq_one_letter_code
;MASDYKDDDDKRRRGMEGAKLSAVRIAVREAPYRQFLGRREPSVVQFPPWSDGKSLIVDQNEFHFDHAFPATISQDEMYQ
ALILPLVDKLLEGFQCTALAYGQTGTGKSYSMGMTPPGEILPEHLGILPRALGDIFERVTARQENNKDAIQVYASFIEIY
NEKPFDLLGSTPHMPMVAARCQRCTCLPLHSQADLHHILELGTRNRRVRPTNMNSNSSRSHAIVTIHVKSKTHHSRMNIV
DLAGSEGVRRTGHEGVARQEGVNINLGLLSINKVVMSMAAGHTVIPYRDSVLTTVLQASLTAQSYLTFLACISPHQCDLS
ETLSTLRFGTSAKAAALEHHHHHH
;
_entity_poly.pdbx_strand_id   A
#
# COMPACT_ATOMS: atom_id res chain seq x y z
N LYS A 20 12.45 -7.02 15.21
CA LYS A 20 12.84 -7.15 13.78
C LYS A 20 11.64 -7.51 12.90
N LEU A 21 11.61 -6.99 11.68
CA LEU A 21 10.53 -7.29 10.75
C LEU A 21 10.83 -8.56 9.98
N SER A 22 9.86 -9.47 9.91
CA SER A 22 10.02 -10.73 9.19
C SER A 22 10.56 -10.53 7.78
N ALA A 23 10.06 -9.51 7.07
CA ALA A 23 10.51 -9.24 5.71
C ALA A 23 10.10 -7.87 5.18
N VAL A 24 11.00 -7.24 4.43
CA VAL A 24 10.69 -5.97 3.82
C VAL A 24 10.99 -6.12 2.34
N ARG A 25 9.95 -6.02 1.53
CA ARG A 25 10.14 -6.16 0.10
C ARG A 25 9.91 -4.85 -0.64
N ILE A 26 10.59 -4.73 -1.77
CA ILE A 26 10.50 -3.55 -2.63
C ILE A 26 10.05 -3.99 -4.03
N ALA A 27 9.04 -3.32 -4.55
CA ALA A 27 8.52 -3.61 -5.88
C ALA A 27 8.31 -2.29 -6.62
N VAL A 28 8.44 -2.34 -7.95
CA VAL A 28 8.27 -1.15 -8.76
C VAL A 28 7.42 -1.53 -9.94
N ARG A 29 6.46 -0.67 -10.27
CA ARG A 29 5.58 -0.92 -11.39
C ARG A 29 5.59 0.28 -12.32
N GLU A 30 6.00 0.05 -13.55
CA GLU A 30 6.06 1.11 -14.55
C GLU A 30 4.66 1.51 -14.99
N ALA A 31 4.36 2.81 -14.95
CA ALA A 31 3.05 3.27 -15.38
C ALA A 31 2.92 3.15 -16.90
N PRO A 32 1.70 2.97 -17.40
CA PRO A 32 1.51 2.86 -18.86
C PRO A 32 1.88 4.18 -19.51
N TYR A 33 2.41 4.14 -20.73
CA TYR A 33 2.79 5.34 -21.45
C TYR A 33 1.56 5.86 -22.18
N ARG A 34 1.15 7.09 -21.88
CA ARG A 34 -0.03 7.65 -22.54
C ARG A 34 0.32 8.06 -23.97
N GLN A 35 -0.31 7.43 -24.95
CA GLN A 35 -0.06 7.76 -26.34
C GLN A 35 -0.51 9.18 -26.63
N PHE A 36 0.15 9.84 -27.57
CA PHE A 36 -0.23 11.19 -27.94
C PHE A 36 -0.45 11.25 -29.44
N LEU A 37 -1.69 11.48 -29.82
CA LEU A 37 -2.04 11.56 -31.23
C LEU A 37 -1.63 10.30 -31.97
N GLY A 38 -1.93 9.15 -31.36
CA GLY A 38 -1.62 7.86 -31.95
C GLY A 38 -0.20 7.38 -31.77
N ARG A 39 0.71 8.29 -31.42
CA ARG A 39 2.09 7.91 -31.25
C ARG A 39 2.42 7.70 -29.78
N ARG A 40 3.09 6.58 -29.50
CA ARG A 40 3.48 6.22 -28.14
C ARG A 40 4.98 5.99 -28.14
N GLU A 41 5.70 6.97 -27.61
CA GLU A 41 7.17 6.91 -27.55
C GLU A 41 7.70 5.95 -26.47
N PRO A 42 8.95 5.46 -26.66
CA PRO A 42 9.61 4.55 -25.74
C PRO A 42 9.74 5.09 -24.32
N SER A 43 9.65 4.20 -23.35
CA SER A 43 9.75 4.59 -21.95
C SER A 43 11.19 4.86 -21.55
N VAL A 44 11.38 5.86 -20.69
CA VAL A 44 12.72 6.18 -20.23
C VAL A 44 13.20 5.01 -19.36
N VAL A 45 12.24 4.27 -18.81
CA VAL A 45 12.51 3.11 -17.98
C VAL A 45 12.83 1.92 -18.89
N GLN A 46 13.84 1.14 -18.53
CA GLN A 46 14.25 -0.01 -19.34
C GLN A 46 14.36 -1.26 -18.49
N PHE A 47 13.97 -2.40 -19.06
CA PHE A 47 14.07 -3.66 -18.34
C PHE A 47 14.97 -4.54 -19.19
N PRO A 48 16.25 -4.65 -18.79
CA PRO A 48 17.23 -5.47 -19.52
C PRO A 48 16.84 -6.92 -19.61
N PRO A 49 17.37 -7.64 -20.61
CA PRO A 49 17.08 -9.06 -20.83
C PRO A 49 17.41 -9.93 -19.63
N TRP A 50 18.24 -9.41 -18.74
CA TRP A 50 18.64 -10.14 -17.55
C TRP A 50 17.91 -9.65 -16.30
N SER A 51 16.93 -8.76 -16.50
CA SER A 51 16.16 -8.21 -15.39
C SER A 51 15.69 -9.29 -14.46
N ASP A 52 15.23 -10.39 -15.05
CA ASP A 52 14.75 -11.53 -14.29
C ASP A 52 13.63 -11.08 -13.35
N GLY A 53 12.86 -10.10 -13.82
CA GLY A 53 11.74 -9.58 -13.05
C GLY A 53 12.14 -8.91 -11.75
N LYS A 54 13.36 -8.42 -11.70
CA LYS A 54 13.84 -7.80 -10.48
C LYS A 54 14.64 -6.52 -10.65
N SER A 55 15.16 -6.27 -11.86
CA SER A 55 15.96 -5.07 -12.04
C SER A 55 15.44 -4.21 -13.17
N LEU A 56 15.76 -2.93 -13.11
CA LEU A 56 15.36 -2.01 -14.15
C LEU A 56 16.44 -0.94 -14.30
N ILE A 57 16.60 -0.48 -15.53
CA ILE A 57 17.60 0.53 -15.79
C ILE A 57 16.91 1.83 -16.13
N VAL A 58 17.34 2.90 -15.46
CA VAL A 58 16.81 4.24 -15.70
C VAL A 58 17.97 5.22 -15.64
N ASP A 59 18.12 6.04 -16.67
CA ASP A 59 19.21 7.03 -16.73
C ASP A 59 20.59 6.37 -16.55
N GLN A 60 20.77 5.20 -17.16
CA GLN A 60 22.01 4.44 -17.07
C GLN A 60 22.21 3.84 -15.68
N ASN A 61 21.19 3.93 -14.85
CA ASN A 61 21.23 3.38 -13.50
C ASN A 61 20.38 2.12 -13.41
N GLU A 62 20.97 1.02 -12.99
CA GLU A 62 20.22 -0.21 -12.87
C GLU A 62 19.89 -0.46 -11.41
N PHE A 63 18.61 -0.44 -11.09
CA PHE A 63 18.17 -0.69 -9.72
C PHE A 63 17.76 -2.14 -9.56
N HIS A 64 18.10 -2.73 -8.42
CA HIS A 64 17.75 -4.13 -8.17
C HIS A 64 16.72 -4.25 -7.05
N PHE A 65 15.54 -4.77 -7.36
CA PHE A 65 14.51 -4.93 -6.35
C PHE A 65 13.97 -6.36 -6.35
N ASP A 66 12.94 -6.59 -5.55
CA ASP A 66 12.36 -7.92 -5.49
C ASP A 66 11.38 -8.14 -6.63
N HIS A 67 10.91 -7.04 -7.21
CA HIS A 67 9.95 -7.13 -8.30
C HIS A 67 9.97 -5.87 -9.16
N ALA A 68 10.29 -6.04 -10.43
CA ALA A 68 10.33 -4.91 -11.36
C ALA A 68 9.27 -5.19 -12.42
N PHE A 69 8.11 -4.58 -12.27
CA PHE A 69 7.00 -4.81 -13.20
C PHE A 69 6.86 -3.80 -14.33
N PRO A 70 6.97 -4.26 -15.58
CA PRO A 70 6.83 -3.35 -16.72
C PRO A 70 5.35 -3.00 -16.90
N ALA A 71 5.07 -1.85 -17.50
CA ALA A 71 3.70 -1.40 -17.72
C ALA A 71 2.82 -2.46 -18.38
N THR A 72 3.43 -3.50 -18.94
CA THR A 72 2.66 -4.56 -19.59
C THR A 72 2.05 -5.54 -18.60
N ILE A 73 2.55 -5.57 -17.37
CA ILE A 73 2.02 -6.49 -16.37
C ILE A 73 0.56 -6.17 -16.03
N SER A 74 -0.25 -7.20 -15.81
CA SER A 74 -1.67 -7.01 -15.48
C SER A 74 -1.90 -6.96 -13.97
N GLN A 75 -3.05 -6.43 -13.57
CA GLN A 75 -3.41 -6.36 -12.17
C GLN A 75 -3.24 -7.72 -11.51
N ASP A 76 -3.84 -8.74 -12.14
CA ASP A 76 -3.79 -10.12 -11.65
C ASP A 76 -2.35 -10.63 -11.43
N GLU A 77 -1.50 -10.47 -12.45
CA GLU A 77 -0.10 -10.92 -12.37
C GLU A 77 0.68 -10.19 -11.28
N MET A 78 0.37 -8.93 -11.07
CA MET A 78 1.07 -8.12 -10.08
C MET A 78 0.59 -8.55 -8.69
N TYR A 79 -0.70 -8.86 -8.57
CA TYR A 79 -1.26 -9.30 -7.30
C TYR A 79 -0.79 -10.69 -6.87
N GLN A 80 -0.87 -11.66 -7.78
CA GLN A 80 -0.46 -13.01 -7.44
C GLN A 80 1.02 -13.13 -7.09
N ALA A 81 1.81 -12.17 -7.55
CA ALA A 81 3.24 -12.20 -7.27
C ALA A 81 3.61 -11.37 -6.04
N LEU A 82 2.99 -10.21 -5.92
CA LEU A 82 3.31 -9.31 -4.83
C LEU A 82 2.47 -9.41 -3.56
N ILE A 83 1.18 -9.67 -3.70
CA ILE A 83 0.31 -9.72 -2.54
C ILE A 83 -0.15 -11.10 -2.09
N LEU A 84 -0.53 -11.96 -3.03
CA LEU A 84 -1.00 -13.29 -2.67
C LEU A 84 -0.14 -13.91 -1.59
N PRO A 85 1.19 -13.77 -1.70
CA PRO A 85 2.03 -14.35 -0.66
C PRO A 85 1.67 -13.85 0.75
N LEU A 86 1.44 -12.55 0.87
CA LEU A 86 1.10 -11.92 2.15
C LEU A 86 -0.19 -12.45 2.75
N VAL A 87 -1.15 -12.78 1.89
CA VAL A 87 -2.42 -13.31 2.36
C VAL A 87 -2.18 -14.53 3.22
N ASP A 88 -1.28 -15.39 2.78
CA ASP A 88 -0.95 -16.60 3.52
C ASP A 88 -0.43 -16.24 4.90
N LYS A 89 0.43 -15.22 4.95
CA LYS A 89 1.03 -14.75 6.21
C LYS A 89 0.00 -14.13 7.14
N LEU A 90 -0.97 -13.42 6.55
CA LEU A 90 -2.02 -12.80 7.31
C LEU A 90 -2.87 -13.87 7.99
N LEU A 91 -3.26 -14.90 7.23
CA LEU A 91 -4.07 -15.97 7.77
C LEU A 91 -3.34 -16.80 8.83
N GLU A 92 -2.02 -16.77 8.78
CA GLU A 92 -1.22 -17.50 9.76
C GLU A 92 -1.22 -16.69 11.07
N GLY A 93 -1.52 -15.40 10.95
CA GLY A 93 -1.57 -14.53 12.10
C GLY A 93 -0.66 -13.32 12.07
N PHE A 94 0.14 -13.15 11.02
CA PHE A 94 1.06 -12.01 10.94
C PHE A 94 0.46 -10.70 10.43
N GLN A 95 1.01 -9.58 10.91
CA GLN A 95 0.55 -8.25 10.49
C GLN A 95 1.24 -7.96 9.14
N CYS A 96 0.48 -7.53 8.14
CA CYS A 96 1.04 -7.22 6.82
C CYS A 96 0.68 -5.82 6.34
N THR A 97 1.59 -5.19 5.62
CA THR A 97 1.31 -3.87 5.08
C THR A 97 1.82 -3.68 3.65
N ALA A 98 0.96 -3.23 2.76
CA ALA A 98 1.35 -2.98 1.38
C ALA A 98 1.17 -1.46 1.18
N LEU A 99 2.27 -0.78 0.84
CA LEU A 99 2.26 0.67 0.67
C LEU A 99 2.67 1.16 -0.71
N ALA A 100 1.84 1.98 -1.33
CA ALA A 100 2.16 2.51 -2.64
C ALA A 100 2.53 3.99 -2.53
N TYR A 101 3.70 4.35 -3.07
CA TYR A 101 4.17 5.73 -3.08
C TYR A 101 4.73 6.04 -4.45
N GLY A 102 4.89 7.32 -4.74
CA GLY A 102 5.43 7.73 -6.04
C GLY A 102 4.80 9.01 -6.53
N GLN A 103 5.28 9.49 -7.68
CA GLN A 103 4.79 10.72 -8.31
C GLN A 103 3.30 10.62 -8.65
N THR A 104 2.61 11.76 -8.65
CA THR A 104 1.18 11.78 -8.97
C THR A 104 0.88 11.25 -10.37
N GLY A 105 -0.21 10.49 -10.50
CA GLY A 105 -0.59 9.95 -11.78
C GLY A 105 0.17 8.73 -12.28
N THR A 106 0.76 7.97 -11.38
CA THR A 106 1.52 6.78 -11.78
C THR A 106 0.78 5.48 -11.54
N GLY A 107 -0.48 5.57 -11.14
CA GLY A 107 -1.27 4.37 -10.91
C GLY A 107 -1.23 3.78 -9.51
N LYS A 108 -0.89 4.59 -8.50
CA LYS A 108 -0.85 4.09 -7.13
C LYS A 108 -2.27 3.70 -6.72
N SER A 109 -3.20 4.63 -6.89
CA SER A 109 -4.58 4.36 -6.53
C SER A 109 -5.20 3.23 -7.33
N TYR A 110 -4.88 3.20 -8.61
CA TYR A 110 -5.38 2.19 -9.52
C TYR A 110 -4.90 0.82 -9.07
N SER A 111 -3.59 0.75 -8.77
CA SER A 111 -2.95 -0.49 -8.33
C SER A 111 -3.42 -1.02 -7.00
N MET A 112 -3.75 -0.15 -6.06
CA MET A 112 -4.14 -0.63 -4.76
C MET A 112 -5.60 -1.01 -4.75
N GLY A 113 -6.35 -0.45 -5.69
CA GLY A 113 -7.76 -0.74 -5.80
C GLY A 113 -8.59 0.02 -4.79
N MET A 114 -8.48 1.34 -4.80
CA MET A 114 -9.20 2.21 -3.87
C MET A 114 -10.55 2.71 -4.39
N THR A 115 -10.86 2.39 -5.65
CA THR A 115 -12.11 2.80 -6.27
C THR A 115 -13.15 1.69 -6.12
N PRO A 116 -14.42 2.07 -5.87
CA PRO A 116 -15.52 1.10 -5.71
C PRO A 116 -15.52 0.05 -6.83
N PRO A 117 -15.29 -1.23 -6.49
CA PRO A 117 -15.24 -2.38 -7.42
C PRO A 117 -16.36 -2.46 -8.46
N GLY A 118 -17.60 -2.33 -8.01
CA GLY A 118 -18.73 -2.42 -8.92
C GLY A 118 -18.75 -1.38 -10.03
N GLU A 119 -17.81 -0.44 -9.98
CA GLU A 119 -17.75 0.61 -10.99
C GLU A 119 -16.69 0.36 -12.06
N ILE A 120 -15.88 -0.67 -11.88
CA ILE A 120 -14.83 -0.99 -12.84
C ILE A 120 -14.89 -2.41 -13.37
N LEU A 121 -14.14 -2.68 -14.43
CA LEU A 121 -14.10 -4.00 -15.05
C LEU A 121 -13.23 -4.97 -14.26
N PRO A 122 -13.54 -6.27 -14.33
CA PRO A 122 -12.80 -7.31 -13.62
C PRO A 122 -11.28 -7.21 -13.77
N GLU A 123 -10.81 -7.22 -15.01
CA GLU A 123 -9.38 -7.15 -15.30
C GLU A 123 -8.71 -5.85 -14.83
N HIS A 124 -9.51 -4.94 -14.28
CA HIS A 124 -8.96 -3.68 -13.80
C HIS A 124 -9.01 -3.55 -12.28
N LEU A 125 -9.61 -4.54 -11.61
CA LEU A 125 -9.70 -4.51 -10.16
C LEU A 125 -8.30 -4.49 -9.55
N GLY A 126 -8.16 -3.71 -8.49
CA GLY A 126 -6.86 -3.60 -7.83
C GLY A 126 -6.63 -4.61 -6.72
N ILE A 127 -5.49 -4.48 -6.06
CA ILE A 127 -5.12 -5.38 -4.98
C ILE A 127 -6.20 -5.56 -3.92
N LEU A 128 -6.71 -4.46 -3.38
CA LEU A 128 -7.71 -4.54 -2.33
C LEU A 128 -8.82 -5.59 -2.52
N PRO A 129 -9.64 -5.47 -3.58
CA PRO A 129 -10.69 -6.47 -3.79
C PRO A 129 -10.15 -7.87 -4.08
N ARG A 130 -9.02 -7.94 -4.79
CA ARG A 130 -8.44 -9.24 -5.07
C ARG A 130 -8.02 -9.94 -3.78
N ALA A 131 -7.39 -9.21 -2.86
CA ALA A 131 -6.95 -9.81 -1.60
C ALA A 131 -8.16 -10.26 -0.77
N LEU A 132 -9.21 -9.45 -0.77
CA LEU A 132 -10.40 -9.78 -0.01
C LEU A 132 -11.02 -11.07 -0.53
N GLY A 133 -10.95 -11.27 -1.85
CA GLY A 133 -11.49 -12.48 -2.44
C GLY A 133 -10.72 -13.69 -1.94
N ASP A 134 -9.39 -13.60 -1.90
CA ASP A 134 -8.60 -14.72 -1.44
C ASP A 134 -8.81 -14.97 0.04
N ILE A 135 -8.87 -13.89 0.82
CA ILE A 135 -9.07 -14.05 2.25
C ILE A 135 -10.39 -14.76 2.52
N PHE A 136 -11.47 -14.25 1.93
CA PHE A 136 -12.79 -14.83 2.12
C PHE A 136 -12.87 -16.26 1.62
N GLU A 137 -12.10 -16.59 0.59
CA GLU A 137 -12.12 -17.92 0.04
C GLU A 137 -11.42 -18.90 0.97
N ARG A 138 -10.29 -18.50 1.51
CA ARG A 138 -9.55 -19.38 2.41
C ARG A 138 -10.23 -19.49 3.76
N VAL A 139 -10.89 -18.43 4.20
CA VAL A 139 -11.57 -18.44 5.47
C VAL A 139 -12.77 -19.38 5.34
N THR A 140 -13.49 -19.25 4.23
CA THR A 140 -14.64 -20.10 3.97
C THR A 140 -14.14 -21.52 3.77
N ALA A 141 -12.88 -21.65 3.37
CA ALA A 141 -12.29 -22.96 3.15
C ALA A 141 -12.17 -23.67 4.50
N ARG A 142 -12.29 -22.90 5.58
CA ARG A 142 -12.19 -23.48 6.91
C ARG A 142 -13.53 -24.00 7.38
N GLN A 143 -14.54 -23.89 6.52
CA GLN A 143 -15.88 -24.37 6.84
C GLN A 143 -15.98 -25.85 6.53
N GLU A 144 -15.04 -26.34 5.74
CA GLU A 144 -15.00 -27.75 5.38
C GLU A 144 -14.70 -28.45 6.70
N ASN A 145 -14.05 -27.71 7.58
CA ASN A 145 -13.67 -28.21 8.90
C ASN A 145 -14.07 -27.15 9.93
N ASN A 146 -15.34 -26.74 9.89
CA ASN A 146 -15.87 -25.73 10.81
C ASN A 146 -15.27 -25.82 12.20
N LYS A 147 -14.40 -24.86 12.51
CA LYS A 147 -13.74 -24.80 13.81
C LYS A 147 -13.91 -23.35 14.24
N ASP A 148 -13.01 -22.88 15.09
CA ASP A 148 -13.15 -21.57 15.72
C ASP A 148 -13.62 -20.52 14.72
N ALA A 149 -14.73 -19.88 15.06
CA ALA A 149 -15.34 -18.86 14.23
C ALA A 149 -14.42 -17.70 13.93
N ILE A 150 -14.54 -17.15 12.73
CA ILE A 150 -13.70 -16.04 12.29
C ILE A 150 -14.55 -14.87 11.80
N GLN A 151 -14.02 -13.66 11.88
CA GLN A 151 -14.74 -12.48 11.42
C GLN A 151 -13.84 -11.49 10.68
N VAL A 152 -14.28 -11.07 9.50
CA VAL A 152 -13.51 -10.12 8.69
C VAL A 152 -14.05 -8.71 8.90
N TYR A 153 -13.15 -7.75 8.99
CA TYR A 153 -13.54 -6.36 9.18
C TYR A 153 -12.75 -5.47 8.24
N ALA A 154 -13.19 -4.23 8.15
CA ALA A 154 -12.52 -3.25 7.31
C ALA A 154 -12.54 -1.90 8.00
N SER A 155 -11.43 -1.18 7.89
CA SER A 155 -11.33 0.15 8.46
C SER A 155 -10.78 1.03 7.35
N PHE A 156 -11.20 2.29 7.35
CA PHE A 156 -10.76 3.20 6.30
C PHE A 156 -10.30 4.48 6.98
N ILE A 157 -9.01 4.76 6.91
CA ILE A 157 -8.48 5.97 7.52
C ILE A 157 -7.85 6.87 6.48
N GLU A 158 -8.08 8.17 6.63
CA GLU A 158 -7.50 9.15 5.72
C GLU A 158 -6.56 10.06 6.51
N ILE A 159 -5.43 10.41 5.90
CA ILE A 159 -4.46 11.29 6.54
C ILE A 159 -4.38 12.55 5.70
N TYR A 160 -4.76 13.67 6.31
CA TYR A 160 -4.76 14.97 5.64
C TYR A 160 -4.07 15.99 6.52
N ASN A 161 -2.95 16.55 6.05
CA ASN A 161 -2.20 17.52 6.83
C ASN A 161 -1.83 16.96 8.19
N GLU A 162 -1.09 15.85 8.19
CA GLU A 162 -0.66 15.20 9.41
C GLU A 162 -1.75 15.03 10.46
N LYS A 163 -2.93 14.63 10.02
CA LYS A 163 -4.04 14.39 10.94
C LYS A 163 -4.87 13.24 10.40
N PRO A 164 -5.14 12.24 11.26
CA PRO A 164 -5.93 11.06 10.91
C PRO A 164 -7.43 11.30 11.00
N PHE A 165 -8.17 10.74 10.07
CA PHE A 165 -9.62 10.87 10.03
C PHE A 165 -10.27 9.51 9.81
N ASP A 166 -11.15 9.11 10.72
CA ASP A 166 -11.88 7.86 10.64
C ASP A 166 -13.05 8.09 9.67
N LEU A 167 -12.85 7.69 8.42
CA LEU A 167 -13.84 7.87 7.37
C LEU A 167 -15.07 6.98 7.51
N LEU A 168 -15.04 6.07 8.46
CA LEU A 168 -16.15 5.15 8.66
C LEU A 168 -17.01 5.51 9.85
N GLY A 169 -16.48 6.36 10.72
CA GLY A 169 -17.22 6.77 11.90
C GLY A 169 -18.27 7.81 11.59
N SER A 170 -18.91 8.33 12.63
CA SER A 170 -19.93 9.34 12.46
C SER A 170 -19.33 10.73 12.56
N THR A 171 -18.02 10.79 12.77
CA THR A 171 -17.33 12.07 12.89
C THR A 171 -16.06 12.06 12.04
N PRO A 172 -16.21 11.82 10.73
CA PRO A 172 -15.05 11.79 9.83
C PRO A 172 -14.43 13.17 9.65
N HIS A 173 -15.04 14.19 10.24
CA HIS A 173 -14.53 15.54 10.11
C HIS A 173 -13.65 15.90 11.29
N MET A 174 -13.80 15.16 12.39
CA MET A 174 -13.01 15.41 13.59
C MET A 174 -11.71 14.62 13.58
N PRO A 175 -10.56 15.33 13.62
CA PRO A 175 -9.25 14.70 13.62
C PRO A 175 -9.13 13.78 14.85
N MET A 176 -8.60 12.58 14.65
CA MET A 176 -8.46 11.64 15.76
C MET A 176 -7.21 11.93 16.58
N VAL A 177 -7.04 11.18 17.66
CA VAL A 177 -5.88 11.33 18.54
C VAL A 177 -4.98 10.11 18.38
N ALA A 178 -3.79 10.18 18.95
CA ALA A 178 -2.83 9.08 18.87
C ALA A 178 -3.39 7.76 19.41
N ALA A 179 -4.25 7.83 20.41
CA ALA A 179 -4.83 6.62 21.01
C ALA A 179 -6.01 6.09 20.21
N ARG A 180 -6.92 6.98 19.85
CA ARG A 180 -8.10 6.61 19.10
C ARG A 180 -7.74 5.99 17.74
N CYS A 181 -6.56 6.34 17.23
CA CYS A 181 -6.13 5.80 15.94
C CYS A 181 -6.20 4.29 15.88
N GLN A 182 -5.59 3.64 16.86
CA GLN A 182 -5.63 2.19 16.88
C GLN A 182 -6.92 1.77 17.56
N ARG A 183 -7.99 2.50 17.27
CA ARG A 183 -9.27 2.18 17.87
C ARG A 183 -10.40 2.55 16.93
N CYS A 184 -10.05 3.14 15.79
CA CYS A 184 -11.04 3.57 14.80
C CYS A 184 -12.08 2.49 14.47
N THR A 185 -13.21 2.90 13.92
CA THR A 185 -14.28 1.97 13.59
C THR A 185 -13.94 0.87 12.60
N CYS A 186 -14.35 -0.36 12.95
CA CYS A 186 -14.13 -1.53 12.12
C CYS A 186 -15.51 -2.08 11.75
N LEU A 187 -15.85 -2.02 10.46
CA LEU A 187 -17.15 -2.53 10.03
C LEU A 187 -17.01 -3.98 9.58
N PRO A 188 -17.89 -4.86 10.09
CA PRO A 188 -17.87 -6.29 9.75
C PRO A 188 -18.12 -6.51 8.27
N LEU A 189 -17.53 -7.58 7.74
CA LEU A 189 -17.69 -7.94 6.34
C LEU A 189 -18.13 -9.41 6.31
N HIS A 190 -19.35 -9.65 5.81
CA HIS A 190 -19.89 -11.00 5.73
C HIS A 190 -19.57 -11.60 4.37
N SER A 191 -19.43 -10.71 3.40
CA SER A 191 -19.14 -11.09 2.03
C SER A 191 -18.16 -10.09 1.43
N GLN A 192 -17.31 -10.57 0.53
CA GLN A 192 -16.34 -9.70 -0.11
C GLN A 192 -17.08 -8.63 -0.89
N ALA A 193 -18.37 -8.84 -1.12
CA ALA A 193 -19.16 -7.89 -1.86
C ALA A 193 -19.49 -6.66 -1.00
N ASP A 194 -19.33 -6.78 0.32
CA ASP A 194 -19.62 -5.64 1.19
C ASP A 194 -18.57 -4.54 1.02
N LEU A 195 -17.45 -4.88 0.37
CA LEU A 195 -16.37 -3.93 0.15
C LEU A 195 -16.84 -2.64 -0.50
N HIS A 196 -17.52 -2.77 -1.63
CA HIS A 196 -18.00 -1.61 -2.35
C HIS A 196 -18.62 -0.60 -1.39
N HIS A 197 -19.57 -1.06 -0.57
CA HIS A 197 -20.24 -0.17 0.38
C HIS A 197 -19.24 0.60 1.22
N ILE A 198 -18.34 -0.12 1.87
CA ILE A 198 -17.32 0.47 2.73
C ILE A 198 -16.51 1.54 1.98
N LEU A 199 -16.05 1.21 0.78
CA LEU A 199 -15.26 2.17 0.01
C LEU A 199 -16.07 3.38 -0.42
N GLU A 200 -17.35 3.18 -0.71
CA GLU A 200 -18.21 4.27 -1.15
C GLU A 200 -18.42 5.25 -0.01
N LEU A 201 -18.83 4.72 1.14
CA LEU A 201 -19.06 5.53 2.32
C LEU A 201 -17.81 6.34 2.68
N GLY A 202 -16.66 5.67 2.70
CA GLY A 202 -15.42 6.34 3.03
C GLY A 202 -15.06 7.49 2.10
N THR A 203 -15.28 7.30 0.81
CA THR A 203 -14.97 8.31 -0.20
C THR A 203 -15.82 9.57 0.01
N ARG A 204 -17.10 9.38 0.29
CA ARG A 204 -18.02 10.48 0.50
C ARG A 204 -17.85 11.10 1.88
N ASN A 205 -16.89 10.61 2.64
CA ASN A 205 -16.63 11.15 3.97
C ASN A 205 -15.25 11.76 4.07
N ARG A 206 -14.40 11.52 3.06
CA ARG A 206 -13.06 12.06 3.15
C ARG A 206 -13.03 13.56 2.94
N ARG A 207 -11.95 14.18 3.43
CA ARG A 207 -11.78 15.61 3.32
C ARG A 207 -11.46 16.02 1.90
N VAL A 208 -10.43 15.43 1.31
CA VAL A 208 -10.07 15.75 -0.06
C VAL A 208 -10.97 15.04 -1.05
N SER A 217 -4.52 22.25 1.92
CA SER A 217 -4.08 21.36 0.84
C SER A 217 -5.29 20.75 0.14
N SER A 218 -5.03 20.02 -0.95
CA SER A 218 -6.07 19.24 -1.61
C SER A 218 -5.53 17.89 -2.08
N ARG A 219 -4.72 17.25 -1.23
CA ARG A 219 -4.27 15.89 -1.47
C ARG A 219 -3.99 15.16 -0.17
N SER A 220 -4.32 13.88 -0.13
CA SER A 220 -4.45 13.16 1.14
C SER A 220 -4.11 11.68 0.97
N HIS A 221 -3.72 11.04 2.07
CA HIS A 221 -3.36 9.64 2.03
C HIS A 221 -4.49 8.77 2.60
N ALA A 222 -4.58 7.54 2.13
CA ALA A 222 -5.62 6.64 2.57
C ALA A 222 -5.10 5.28 3.02
N ILE A 223 -5.76 4.72 4.02
CA ILE A 223 -5.38 3.44 4.55
C ILE A 223 -6.64 2.61 4.76
N VAL A 224 -6.74 1.53 4.00
CA VAL A 224 -7.87 0.64 4.15
C VAL A 224 -7.25 -0.62 4.74
N THR A 225 -7.70 -0.99 5.94
CA THR A 225 -7.18 -2.16 6.59
C THR A 225 -8.22 -3.25 6.61
N ILE A 226 -7.80 -4.45 6.21
CA ILE A 226 -8.66 -5.62 6.23
C ILE A 226 -8.27 -6.30 7.51
N HIS A 227 -9.24 -6.47 8.40
CA HIS A 227 -9.01 -7.12 9.68
C HIS A 227 -9.57 -8.53 9.65
N VAL A 228 -8.80 -9.45 10.22
CA VAL A 228 -9.21 -10.85 10.31
C VAL A 228 -9.04 -11.21 11.79
N LYS A 229 -10.16 -11.43 12.47
CA LYS A 229 -10.17 -11.72 13.90
C LYS A 229 -10.80 -13.04 14.33
N SER A 230 -10.28 -13.58 15.43
CA SER A 230 -10.81 -14.81 16.01
C SER A 230 -11.08 -14.45 17.46
N LYS A 231 -11.57 -15.41 18.21
CA LYS A 231 -11.85 -15.22 19.61
C LYS A 231 -10.58 -14.84 20.38
N THR A 232 -9.41 -15.08 19.82
CA THR A 232 -8.18 -14.77 20.55
C THR A 232 -7.04 -14.19 19.75
N HIS A 233 -7.28 -13.86 18.49
CA HIS A 233 -6.22 -13.30 17.67
C HIS A 233 -6.69 -12.22 16.69
N HIS A 234 -5.81 -11.26 16.43
CA HIS A 234 -6.10 -10.16 15.54
C HIS A 234 -4.98 -9.92 14.53
N SER A 235 -5.19 -10.26 13.27
CA SER A 235 -4.16 -10.01 12.28
C SER A 235 -4.72 -8.98 11.32
N ARG A 236 -3.85 -8.18 10.71
CA ARG A 236 -4.36 -7.19 9.78
C ARG A 236 -3.51 -6.96 8.54
N MET A 237 -4.17 -6.57 7.46
CA MET A 237 -3.51 -6.28 6.21
C MET A 237 -3.82 -4.84 5.80
N ASN A 238 -2.81 -4.00 5.87
CA ASN A 238 -2.97 -2.59 5.55
C ASN A 238 -2.65 -2.27 4.09
N ILE A 239 -3.60 -1.66 3.41
CA ILE A 239 -3.41 -1.25 2.03
C ILE A 239 -3.24 0.28 2.12
N VAL A 240 -2.00 0.74 1.88
CA VAL A 240 -1.68 2.16 1.97
C VAL A 240 -1.51 2.84 0.62
N ASP A 241 -2.35 3.84 0.38
CA ASP A 241 -2.35 4.58 -0.88
C ASP A 241 -1.89 6.02 -0.64
N LEU A 242 -0.58 6.24 -0.76
CA LEU A 242 -0.01 7.57 -0.62
C LEU A 242 -0.29 8.43 -1.85
N ALA A 243 -0.65 9.69 -1.61
CA ALA A 243 -0.84 10.64 -2.70
C ALA A 243 0.49 11.12 -3.25
N GLY A 244 0.54 11.38 -4.55
CA GLY A 244 1.69 11.99 -5.17
C GLY A 244 1.70 13.50 -5.03
N SER A 245 2.88 14.06 -4.77
CA SER A 245 3.01 15.49 -4.53
C SER A 245 2.20 16.30 -5.52
N GLU A 246 1.66 17.42 -5.07
CA GLU A 246 0.83 18.28 -5.91
C GLU A 246 1.64 19.44 -6.47
N GLY A 247 1.44 19.74 -7.75
CA GLY A 247 2.14 20.84 -8.39
C GLY A 247 3.52 20.50 -8.89
N VAL A 248 4.38 21.51 -9.00
CA VAL A 248 5.76 21.35 -9.46
C VAL A 248 6.73 21.60 -8.32
N ARG A 249 7.91 21.00 -8.40
CA ARG A 249 8.93 21.18 -7.37
C ARG A 249 10.03 22.12 -7.86
N ARG A 250 10.75 22.70 -6.90
CA ARG A 250 11.93 23.51 -7.22
C ARG A 250 12.97 22.68 -7.96
N THR A 251 13.64 23.32 -8.92
CA THR A 251 14.66 22.65 -9.72
C THR A 251 15.83 22.19 -8.85
N VAL A 262 15.85 13.71 4.32
CA VAL A 262 14.71 14.44 4.84
C VAL A 262 14.29 15.53 3.86
N ASN A 263 13.71 15.12 2.73
CA ASN A 263 13.26 16.05 1.70
C ASN A 263 12.05 15.51 0.93
N ILE A 264 11.34 14.56 1.54
CA ILE A 264 10.16 13.98 0.92
C ILE A 264 9.05 13.71 1.93
N ASN A 265 8.16 12.78 1.60
CA ASN A 265 7.06 12.46 2.48
C ASN A 265 7.53 12.11 3.90
N LEU A 266 6.98 12.81 4.88
CA LEU A 266 7.30 12.60 6.29
C LEU A 266 7.05 11.14 6.68
N GLY A 267 5.94 10.60 6.22
CA GLY A 267 5.58 9.22 6.51
C GLY A 267 6.62 8.26 5.99
N LEU A 268 7.02 8.44 4.74
CA LEU A 268 8.02 7.57 4.15
C LEU A 268 9.29 7.54 4.99
N LEU A 269 9.79 8.71 5.35
CA LEU A 269 10.99 8.79 6.15
C LEU A 269 10.83 8.09 7.48
N SER A 270 9.65 8.23 8.06
CA SER A 270 9.38 7.63 9.34
C SER A 270 9.37 6.10 9.28
N ILE A 271 8.81 5.54 8.23
CA ILE A 271 8.79 4.08 8.14
C ILE A 271 10.21 3.53 8.07
N ASN A 272 11.06 4.15 7.24
CA ASN A 272 12.45 3.69 7.14
C ASN A 272 13.14 3.87 8.48
N LYS A 273 12.90 5.01 9.12
CA LYS A 273 13.49 5.28 10.41
C LYS A 273 13.05 4.21 11.40
N VAL A 274 11.82 3.75 11.24
CA VAL A 274 11.26 2.71 12.12
C VAL A 274 11.90 1.38 11.85
N VAL A 275 11.79 0.93 10.60
CA VAL A 275 12.35 -0.34 10.20
C VAL A 275 13.80 -0.42 10.67
N MET A 276 14.55 0.66 10.43
CA MET A 276 15.96 0.70 10.81
C MET A 276 16.13 0.64 12.32
N SER A 277 15.37 1.47 13.02
CA SER A 277 15.44 1.53 14.47
C SER A 277 15.20 0.16 15.09
N MET A 278 14.03 -0.41 14.83
CA MET A 278 13.69 -1.71 15.39
C MET A 278 14.50 -2.83 14.74
N ALA A 279 15.48 -2.45 13.92
CA ALA A 279 16.31 -3.41 13.22
C ALA A 279 17.72 -3.45 13.80
N ALA A 280 17.84 -3.08 15.07
CA ALA A 280 19.15 -2.93 15.71
C ALA A 280 19.17 -1.74 16.66
N GLY A 281 19.79 -1.92 17.82
CA GLY A 281 19.10 -1.80 19.08
C GLY A 281 17.59 -1.72 18.92
N HIS A 282 16.99 -0.65 19.44
CA HIS A 282 15.61 -0.71 19.93
C HIS A 282 15.41 0.28 21.08
N THR A 283 14.27 0.15 21.76
CA THR A 283 14.14 0.65 23.12
C THR A 283 13.19 1.84 23.18
N VAL A 284 13.12 2.58 22.09
CA VAL A 284 11.93 3.38 21.79
C VAL A 284 11.79 3.62 20.28
N ILE A 285 10.89 2.88 19.66
CA ILE A 285 10.67 2.99 18.21
C ILE A 285 9.88 4.26 17.93
N PRO A 286 10.41 5.13 17.06
CA PRO A 286 9.75 6.40 16.71
C PRO A 286 8.44 6.32 15.92
N TYR A 287 7.44 5.64 16.49
CA TYR A 287 6.14 5.53 15.82
C TYR A 287 5.42 6.87 15.84
N ARG A 288 5.78 7.74 16.79
CA ARG A 288 5.15 9.03 16.93
C ARG A 288 5.68 10.11 15.98
N ASP A 289 6.76 9.79 15.27
CA ASP A 289 7.34 10.75 14.33
C ASP A 289 6.39 11.18 13.22
N SER A 290 5.34 10.38 13.01
CA SER A 290 4.36 10.72 11.99
C SER A 290 3.07 9.99 12.31
N VAL A 291 1.99 10.42 11.68
CA VAL A 291 0.69 9.79 11.90
C VAL A 291 0.66 8.43 11.21
N LEU A 292 1.30 8.31 10.06
CA LEU A 292 1.31 7.05 9.33
C LEU A 292 1.89 5.91 10.16
N THR A 293 3.10 6.12 10.71
CA THR A 293 3.70 5.09 11.55
C THR A 293 2.95 4.97 12.87
N THR A 294 2.19 5.99 13.22
CA THR A 294 1.42 5.94 14.46
C THR A 294 0.22 5.04 14.22
N VAL A 295 -0.47 5.26 13.11
CA VAL A 295 -1.63 4.46 12.74
C VAL A 295 -1.28 2.98 12.52
N LEU A 296 -0.13 2.73 11.91
CA LEU A 296 0.32 1.37 11.60
C LEU A 296 1.21 0.76 12.66
N GLN A 297 1.23 1.36 13.84
CA GLN A 297 2.08 0.90 14.94
C GLN A 297 1.93 -0.58 15.29
N ALA A 298 0.70 -1.08 15.34
CA ALA A 298 0.45 -2.48 15.68
C ALA A 298 0.89 -3.44 14.55
N SER A 299 1.13 -2.89 13.37
CA SER A 299 1.55 -3.70 12.23
C SER A 299 3.06 -3.63 12.00
N LEU A 300 3.66 -2.49 12.36
CA LEU A 300 5.11 -2.30 12.21
C LEU A 300 5.78 -2.85 13.46
N THR A 301 5.55 -4.13 13.71
CA THR A 301 6.12 -4.81 14.87
C THR A 301 6.97 -5.98 14.42
N ALA A 302 7.54 -6.68 15.39
CA ALA A 302 8.41 -7.82 15.12
C ALA A 302 7.65 -8.91 14.37
N GLN A 303 8.37 -9.56 13.45
CA GLN A 303 7.83 -10.64 12.64
C GLN A 303 6.70 -10.19 11.71
N SER A 304 6.48 -8.89 11.60
CA SER A 304 5.43 -8.40 10.70
C SER A 304 6.01 -8.28 9.29
N TYR A 305 5.13 -8.02 8.32
CA TYR A 305 5.56 -7.86 6.93
C TYR A 305 5.24 -6.48 6.35
N LEU A 306 6.21 -5.94 5.63
CA LEU A 306 6.08 -4.63 5.00
C LEU A 306 6.53 -4.71 3.56
N THR A 307 5.65 -4.31 2.65
CA THR A 307 5.97 -4.32 1.24
C THR A 307 5.65 -3.00 0.60
N PHE A 308 6.64 -2.45 -0.10
CA PHE A 308 6.52 -1.19 -0.79
C PHE A 308 6.30 -1.45 -2.27
N LEU A 309 5.46 -0.62 -2.89
CA LEU A 309 5.20 -0.72 -4.31
C LEU A 309 5.46 0.67 -4.87
N ALA A 310 6.65 0.87 -5.43
CA ALA A 310 7.02 2.17 -5.99
C ALA A 310 6.45 2.28 -7.41
N CYS A 311 5.67 3.33 -7.68
CA CYS A 311 5.10 3.52 -9.02
C CYS A 311 5.89 4.63 -9.72
N ILE A 312 6.37 4.38 -10.93
CA ILE A 312 7.12 5.41 -11.63
C ILE A 312 6.55 5.73 -13.00
N SER A 313 6.89 6.92 -13.48
CA SER A 313 6.40 7.35 -14.79
C SER A 313 7.38 6.96 -15.88
N PRO A 314 6.86 6.62 -17.07
CA PRO A 314 7.72 6.23 -18.19
C PRO A 314 8.19 7.47 -18.94
N HIS A 315 7.50 8.58 -18.73
CA HIS A 315 7.83 9.82 -19.41
C HIS A 315 9.19 10.38 -19.00
N GLN A 316 9.89 10.96 -19.96
CA GLN A 316 11.20 11.52 -19.70
C GLN A 316 11.16 12.78 -18.85
N CYS A 317 10.15 13.61 -19.07
CA CYS A 317 10.03 14.84 -18.31
C CYS A 317 9.86 14.57 -16.82
N ASP A 318 9.74 13.31 -16.43
CA ASP A 318 9.58 12.98 -15.02
C ASP A 318 10.74 12.19 -14.46
N LEU A 319 11.88 12.32 -15.12
CA LEU A 319 13.09 11.63 -14.72
C LEU A 319 13.47 11.97 -13.27
N SER A 320 13.56 13.26 -12.97
CA SER A 320 13.91 13.69 -11.62
C SER A 320 13.04 13.00 -10.57
N GLU A 321 11.75 12.86 -10.87
CA GLU A 321 10.81 12.22 -9.98
C GLU A 321 11.05 10.72 -9.87
N THR A 322 11.28 10.09 -11.03
CA THR A 322 11.50 8.67 -11.07
C THR A 322 12.75 8.24 -10.29
N LEU A 323 13.83 8.99 -10.44
CA LEU A 323 15.08 8.68 -9.73
C LEU A 323 14.90 8.84 -8.22
N SER A 324 14.22 9.91 -7.82
CA SER A 324 13.99 10.17 -6.42
C SER A 324 13.15 9.06 -5.81
N THR A 325 12.18 8.58 -6.59
CA THR A 325 11.32 7.50 -6.14
C THR A 325 12.09 6.19 -6.06
N LEU A 326 12.88 5.90 -7.08
CA LEU A 326 13.65 4.67 -7.10
C LEU A 326 14.75 4.63 -6.04
N ARG A 327 15.28 5.81 -5.67
CA ARG A 327 16.33 5.86 -4.67
C ARG A 327 15.81 5.63 -3.26
N PHE A 328 14.60 6.11 -2.99
CA PHE A 328 14.04 5.91 -1.66
C PHE A 328 13.92 4.42 -1.43
N GLY A 329 13.40 3.73 -2.43
CA GLY A 329 13.22 2.30 -2.34
C GLY A 329 14.52 1.61 -1.99
N THR A 330 15.61 2.15 -2.51
CA THR A 330 16.93 1.61 -2.25
C THR A 330 17.24 1.75 -0.77
N SER A 331 16.93 2.93 -0.23
CA SER A 331 17.15 3.22 1.19
C SER A 331 16.34 2.24 2.00
N ALA A 332 15.07 2.12 1.64
CA ALA A 332 14.16 1.21 2.33
C ALA A 332 14.77 -0.19 2.38
N LYS A 333 15.25 -0.68 1.24
CA LYS A 333 15.88 -2.00 1.19
C LYS A 333 17.03 -2.04 2.17
N ALA A 334 17.95 -1.08 2.02
CA ALA A 334 19.12 -0.95 2.86
C ALA A 334 18.76 -1.03 4.34
N ALA A 335 17.61 -0.47 4.71
CA ALA A 335 17.18 -0.49 6.09
C ALA A 335 16.90 -1.94 6.51
N ALA A 336 17.95 -2.65 6.91
CA ALA A 336 17.82 -4.04 7.33
C ALA A 336 19.07 -4.51 8.10
#